data_1TGS
#
_entry.id   1TGS
#
_cell.length_a   67.100
_cell.length_b   75.500
_cell.length_c   66.900
_cell.angle_alpha   90.00
_cell.angle_beta   90.00
_cell.angle_gamma   90.00
#
_symmetry.space_group_name_H-M   'P 21 21 21'
#
loop_
_entity.id
_entity.type
_entity.pdbx_description
1 polymer TRYPSINOGEN
2 polymer 'PANCREATIC SECRETORY TRYPSIN INHIBITOR (KAZAL TYPE)'
3 non-polymer 'SULFATE ION'
4 non-polymer 'CALCIUM ION'
5 water water
#
loop_
_entity_poly.entity_id
_entity_poly.type
_entity_poly.pdbx_seq_one_letter_code
_entity_poly.pdbx_strand_id
1 'polypeptide(L)'
;VDDDDKIVGGYTCGANTVPYQVSLNSGYHFCGGSLINSQWVVSAAHCYKSGIQVRLGEDNINVVEGNEQFISASKSIVHP
SYNSNTLNNDIMLIKLKSAASLNSRVASISLPTSCASAGTQCLISGWGNTKSSGTSYPDVLKCLKAPILSDSSCKSAYPG
QITSNMFCAGYLEGGKDSCQGDSGGPVVCSGKLQGIVSWGSGCAQKNKPGVYTKVCNYVSWIKQTIASN
;
Z
2 'polypeptide(L)' TSPQREATCTSEVSGCPKIYNPVCGTDGITYSNECVLCSENKKRQTPVLIQKSGPC I
#
loop_
_chem_comp.id
_chem_comp.type
_chem_comp.name
_chem_comp.formula
CA non-polymer 'CALCIUM ION' 'Ca 2'
SO4 non-polymer 'SULFATE ION' 'O4 S -2'
#
# COMPACT_ATOMS: atom_id res chain seq x y z
N ASP A 5 -7.15 9.41 13.48
CA ASP A 5 -6.33 10.62 13.55
C ASP A 5 -5.73 11.10 12.21
N LYS A 6 -4.63 11.81 12.35
CA LYS A 6 -3.73 12.10 11.24
C LYS A 6 -2.95 10.87 10.84
N ILE A 7 -2.99 9.87 11.72
CA ILE A 7 -2.41 8.55 11.40
C ILE A 7 -3.50 7.52 11.22
N VAL A 8 -4.60 7.96 10.66
CA VAL A 8 -5.67 7.08 10.16
C VAL A 8 -6.09 6.08 11.21
N GLY A 9 -6.19 6.58 12.40
CA GLY A 9 -6.73 5.79 13.53
C GLY A 9 -5.67 4.87 14.16
N GLY A 10 -4.47 4.86 13.61
CA GLY A 10 -3.50 3.91 14.13
C GLY A 10 -2.72 4.55 15.28
N TYR A 11 -1.55 4.08 15.56
CA TYR A 11 -0.62 4.54 16.62
C TYR A 11 0.79 4.64 16.02
N THR A 12 1.65 5.49 16.51
CA THR A 12 2.97 5.54 15.95
C THR A 12 3.80 4.33 16.39
N CYS A 13 4.72 3.92 15.56
CA CYS A 13 5.57 2.78 15.87
C CYS A 13 6.90 2.94 15.18
N GLY A 14 7.86 2.26 15.65
CA GLY A 14 9.20 2.51 15.14
C GLY A 14 9.72 1.32 14.34
N ALA A 15 10.83 1.56 13.64
CA ALA A 15 11.45 0.63 12.73
C ALA A 15 11.87 -0.65 13.43
N ASN A 16 12.14 -0.58 14.74
CA ASN A 16 12.40 -1.77 15.59
C ASN A 16 11.20 -2.70 15.74
N THR A 17 10.03 -2.07 15.79
CA THR A 17 8.72 -2.78 15.93
C THR A 17 8.34 -3.51 14.63
N VAL A 18 8.56 -2.89 13.51
CA VAL A 18 8.25 -3.47 12.21
C VAL A 18 9.50 -3.45 11.33
N PRO A 19 10.51 -4.24 11.67
CA PRO A 19 11.80 -4.15 10.97
C PRO A 19 11.78 -4.68 9.54
N TYR A 20 10.72 -5.26 9.11
CA TYR A 20 10.54 -5.78 7.75
C TYR A 20 9.92 -4.73 6.81
N GLN A 21 9.48 -3.65 7.39
CA GLN A 21 8.85 -2.58 6.61
C GLN A 21 9.89 -1.84 5.77
N VAL A 22 9.59 -1.63 4.50
CA VAL A 22 10.47 -0.79 3.67
C VAL A 22 9.68 0.31 2.96
N SER A 23 10.38 1.33 2.54
CA SER A 23 9.81 2.41 1.73
C SER A 23 10.28 2.28 0.28
N LEU A 24 9.39 2.43 -0.71
CA LEU A 24 9.79 2.54 -2.10
C LEU A 24 9.79 4.01 -2.53
N ASN A 25 10.94 4.45 -3.07
CA ASN A 25 11.26 5.86 -3.30
C ASN A 25 11.66 6.07 -4.77
N SER A 26 11.00 7.02 -5.38
CA SER A 26 11.33 7.48 -6.74
C SER A 26 11.50 9.00 -6.77
N GLY A 27 12.21 9.51 -5.80
CA GLY A 27 12.25 10.95 -5.57
C GLY A 27 11.37 11.37 -4.42
N TYR A 28 10.48 10.50 -4.04
CA TYR A 28 9.60 10.64 -2.86
C TYR A 28 9.01 9.28 -2.55
N HIS A 29 8.53 9.07 -1.33
CA HIS A 29 7.93 7.80 -0.91
C HIS A 29 6.59 7.60 -1.61
N PHE A 30 6.42 6.54 -2.38
CA PHE A 30 5.10 6.34 -3.08
C PHE A 30 4.33 5.09 -2.60
N CYS A 31 5.08 4.10 -2.15
CA CYS A 31 4.57 2.79 -1.68
C CYS A 31 5.47 2.23 -0.57
N GLY A 32 4.94 1.26 0.15
CA GLY A 32 5.71 0.47 1.11
C GLY A 32 6.11 -0.87 0.51
N GLY A 33 6.69 -1.73 1.29
CA GLY A 33 7.05 -3.08 0.91
C GLY A 33 7.42 -3.92 2.12
N SER A 34 7.68 -5.17 1.94
CA SER A 34 8.12 -5.96 3.05
C SER A 34 9.38 -6.71 2.66
N LEU A 35 10.30 -6.83 3.59
CA LEU A 35 11.55 -7.56 3.31
C LEU A 35 11.37 -9.03 3.60
N ILE A 36 11.51 -9.89 2.57
CA ILE A 36 11.32 -11.32 2.79
C ILE A 36 12.58 -12.16 2.82
N ASN A 37 13.67 -11.58 2.34
CA ASN A 37 15.04 -11.96 2.73
C ASN A 37 16.02 -10.84 2.44
N SER A 38 17.26 -11.07 2.67
CA SER A 38 18.30 -10.01 2.59
C SER A 38 18.34 -9.30 1.23
N GLN A 39 17.91 -9.98 0.19
CA GLN A 39 17.90 -9.39 -1.15
C GLN A 39 16.53 -9.17 -1.78
N TRP A 40 15.48 -9.64 -1.17
CA TRP A 40 14.19 -9.54 -1.83
C TRP A 40 13.10 -8.84 -1.00
N VAL A 41 12.30 -8.05 -1.70
CA VAL A 41 11.13 -7.33 -1.17
C VAL A 41 9.82 -7.66 -1.89
N VAL A 42 8.71 -7.75 -1.17
CA VAL A 42 7.39 -7.99 -1.75
C VAL A 42 6.56 -6.71 -1.62
N SER A 43 5.97 -6.33 -2.72
CA SER A 43 5.12 -5.16 -2.77
C SER A 43 3.84 -5.42 -3.60
N ALA A 44 3.10 -4.36 -3.92
CA ALA A 44 1.93 -4.46 -4.77
C ALA A 44 2.34 -4.23 -6.23
N ALA A 45 1.75 -4.96 -7.12
CA ALA A 45 2.03 -4.75 -8.51
C ALA A 45 1.73 -3.32 -8.97
N HIS A 46 0.69 -2.66 -8.47
CA HIS A 46 0.44 -1.30 -8.94
C HIS A 46 1.48 -0.31 -8.47
N CYS A 47 2.39 -0.73 -7.63
CA CYS A 47 3.54 0.06 -7.21
C CYS A 47 4.70 -0.01 -8.19
N TYR A 48 4.48 -0.72 -9.30
CA TYR A 48 5.59 -0.85 -10.27
C TYR A 48 5.96 0.48 -10.87
N LYS A 49 7.23 0.78 -10.84
CA LYS A 49 7.87 1.94 -11.53
C LYS A 49 9.27 1.54 -11.95
N SER A 50 9.89 2.29 -12.81
CA SER A 50 11.31 2.00 -13.08
C SER A 50 12.14 2.92 -12.19
N GLY A 51 13.25 2.43 -11.76
CA GLY A 51 14.17 3.20 -10.91
C GLY A 51 13.61 3.46 -9.52
N ILE A 52 13.22 2.41 -8.88
CA ILE A 52 12.87 2.40 -7.48
C ILE A 52 14.14 2.30 -6.62
N GLN A 53 14.24 3.16 -5.64
CA GLN A 53 15.19 2.98 -4.56
C GLN A 53 14.48 2.43 -3.33
N VAL A 54 14.99 1.34 -2.76
CA VAL A 54 14.38 0.82 -1.52
C VAL A 54 15.06 1.41 -0.29
N ARG A 55 14.28 1.91 0.64
CA ARG A 55 14.80 2.50 1.89
C ARG A 55 14.40 1.69 3.11
N LEU A 56 15.39 1.10 3.76
CA LEU A 56 15.24 0.16 4.85
C LEU A 56 15.70 0.81 6.16
N GLY A 57 15.20 0.37 7.31
CA GLY A 57 15.56 0.94 8.63
C GLY A 57 15.16 2.42 8.79
N GLU A 58 14.11 2.83 8.15
CA GLU A 58 13.56 4.18 8.23
C GLU A 58 12.62 4.33 9.43
N ASP A 59 12.93 5.31 10.25
CA ASP A 59 11.95 5.81 11.21
C ASP A 59 11.25 7.04 10.70
N ASN A 60 11.99 7.99 10.14
CA ASN A 60 11.43 9.16 9.45
C ASN A 60 11.87 9.23 8.01
N ILE A 61 10.96 9.17 7.06
CA ILE A 61 11.36 9.21 5.61
C ILE A 61 11.88 10.58 5.11
N ASN A 62 11.69 11.60 5.90
CA ASN A 62 12.12 12.94 5.58
C ASN A 62 13.47 13.26 6.18
N VAL A 63 13.94 12.45 7.13
CA VAL A 63 15.17 12.79 7.86
C VAL A 63 16.11 11.63 7.80
N VAL A 64 17.34 11.85 7.42
CA VAL A 64 18.40 10.84 7.51
C VAL A 64 19.04 10.76 8.89
N GLU A 65 18.67 9.77 9.65
CA GLU A 65 19.09 9.63 11.04
C GLU A 65 20.36 8.83 11.25
N GLY A 66 20.92 8.42 10.13
CA GLY A 66 22.19 7.74 10.04
C GLY A 66 22.11 6.24 10.28
N ASN A 67 20.92 5.76 10.35
CA ASN A 67 20.76 4.31 10.52
C ASN A 67 19.90 3.60 9.47
N GLU A 68 19.59 4.28 8.39
CA GLU A 68 18.89 3.67 7.27
C GLU A 68 19.79 3.09 6.17
N GLN A 69 19.27 2.20 5.36
CA GLN A 69 19.96 1.65 4.17
C GLN A 69 19.22 2.01 2.88
N PHE A 70 19.88 2.66 1.95
CA PHE A 70 19.33 2.98 0.64
C PHE A 70 19.88 2.03 -0.44
N ILE A 71 19.05 1.13 -0.96
CA ILE A 71 19.49 0.14 -1.95
C ILE A 71 18.65 0.16 -3.25
N SER A 72 19.32 0.25 -4.41
CA SER A 72 18.59 0.32 -5.67
C SER A 72 17.95 -1.02 -5.94
N ALA A 73 16.82 -0.96 -6.59
CA ALA A 73 16.24 -2.19 -7.09
C ALA A 73 16.96 -2.59 -8.37
N SER A 74 17.37 -3.79 -8.44
CA SER A 74 18.01 -4.38 -9.59
C SER A 74 16.96 -4.93 -10.55
N LYS A 75 15.95 -5.56 -10.03
CA LYS A 75 14.94 -6.22 -10.85
C LYS A 75 13.57 -6.05 -10.21
N SER A 76 12.53 -5.73 -10.96
CA SER A 76 11.15 -5.79 -10.39
C SER A 76 10.26 -6.72 -11.18
N ILE A 77 9.65 -7.71 -10.54
CA ILE A 77 8.88 -8.75 -11.24
C ILE A 77 7.42 -8.76 -10.85
N VAL A 78 6.56 -8.23 -11.68
CA VAL A 78 5.13 -8.13 -11.42
C VAL A 78 4.47 -9.44 -11.81
N HIS A 79 3.52 -9.88 -11.00
CA HIS A 79 2.81 -11.13 -11.29
C HIS A 79 2.24 -11.11 -12.71
N PRO A 80 2.51 -12.13 -13.47
CA PRO A 80 2.19 -12.19 -14.92
C PRO A 80 0.71 -12.16 -15.25
N SER A 81 -0.12 -12.31 -14.27
CA SER A 81 -1.57 -12.18 -14.48
C SER A 81 -2.14 -10.97 -13.75
N TYR A 82 -1.28 -10.08 -13.30
CA TYR A 82 -1.79 -8.82 -12.73
C TYR A 82 -2.68 -8.08 -13.75
N ASN A 83 -3.88 -7.76 -13.31
CA ASN A 83 -4.82 -7.01 -14.10
C ASN A 83 -4.99 -5.67 -13.42
N SER A 84 -4.40 -4.64 -13.97
CA SER A 84 -4.59 -3.29 -13.46
C SER A 84 -6.03 -2.79 -13.39
N ASN A 85 -6.96 -3.36 -14.20
CA ASN A 85 -8.35 -2.86 -14.21
C ASN A 85 -9.16 -3.36 -13.02
N THR A 86 -8.92 -4.58 -12.65
CA THR A 86 -9.58 -5.21 -11.50
C THR A 86 -8.76 -5.27 -10.20
N LEU A 87 -7.48 -4.95 -10.31
CA LEU A 87 -6.47 -5.12 -9.23
C LEU A 87 -6.30 -6.57 -8.80
N ASN A 88 -6.64 -7.52 -9.62
CA ASN A 88 -6.45 -8.91 -9.23
C ASN A 88 -5.00 -9.32 -9.48
N ASN A 89 -4.45 -10.19 -8.59
CA ASN A 89 -3.02 -10.56 -8.52
C ASN A 89 -2.11 -9.35 -8.34
N ASP A 90 -2.46 -8.51 -7.38
CA ASP A 90 -1.73 -7.30 -7.09
C ASP A 90 -0.49 -7.47 -6.19
N ILE A 91 0.53 -8.13 -6.76
CA ILE A 91 1.72 -8.59 -6.06
C ILE A 91 2.92 -8.50 -7.01
N MET A 92 4.02 -7.97 -6.49
CA MET A 92 5.28 -7.72 -7.20
C MET A 92 6.45 -8.16 -6.30
N LEU A 93 7.48 -8.70 -6.93
CA LEU A 93 8.79 -8.98 -6.30
C LEU A 93 9.86 -7.96 -6.73
N ILE A 94 10.67 -7.55 -5.80
CA ILE A 94 11.79 -6.64 -6.09
C ILE A 94 13.10 -7.24 -5.61
N LYS A 95 14.01 -7.45 -6.56
CA LYS A 95 15.36 -7.88 -6.20
C LYS A 95 16.24 -6.65 -5.98
N LEU A 96 16.90 -6.55 -4.84
CA LEU A 96 17.83 -5.45 -4.51
C LEU A 96 19.20 -5.68 -5.16
N LYS A 97 19.84 -4.59 -5.56
CA LYS A 97 21.18 -4.65 -6.21
C LYS A 97 22.25 -5.31 -5.33
N SER A 98 22.13 -5.02 -4.08
CA SER A 98 22.92 -5.72 -3.05
C SER A 98 22.11 -6.13 -1.84
N ALA A 99 22.64 -7.08 -1.14
CA ALA A 99 21.96 -7.58 0.06
C ALA A 99 21.91 -6.54 1.16
N ALA A 100 20.82 -6.54 1.88
CA ALA A 100 20.66 -5.63 3.01
C ALA A 100 21.52 -6.14 4.14
N SER A 101 22.05 -5.30 4.97
CA SER A 101 22.69 -5.83 6.21
C SER A 101 21.70 -5.83 7.38
N LEU A 102 21.38 -7.03 7.82
CA LEU A 102 20.25 -7.27 8.72
C LEU A 102 20.60 -6.94 10.14
N ASN A 103 19.73 -6.26 10.84
CA ASN A 103 19.96 -5.80 12.22
C ASN A 103 18.61 -5.62 12.90
N SER A 104 18.57 -4.82 13.95
CA SER A 104 17.36 -4.70 14.76
C SER A 104 16.28 -3.90 14.08
N ARG A 105 16.69 -3.06 13.18
CA ARG A 105 15.69 -2.27 12.48
C ARG A 105 15.44 -2.82 11.08
N VAL A 106 16.24 -3.81 10.70
CA VAL A 106 16.15 -4.36 9.35
C VAL A 106 16.13 -5.89 9.36
N ALA A 107 15.01 -6.51 9.23
CA ALA A 107 14.97 -7.95 9.28
C ALA A 107 13.82 -8.44 8.39
N SER A 108 13.81 -9.70 8.05
CA SER A 108 12.83 -10.13 7.10
C SER A 108 11.68 -10.83 7.79
N ILE A 109 10.54 -10.86 7.13
CA ILE A 109 9.27 -11.43 7.66
C ILE A 109 9.02 -12.81 7.04
N SER A 110 8.62 -13.80 7.78
CA SER A 110 8.31 -15.12 7.20
C SER A 110 7.09 -15.13 6.31
N LEU A 111 7.12 -15.99 5.33
CA LEU A 111 5.95 -16.22 4.49
C LEU A 111 4.99 -17.24 5.13
N PRO A 112 3.72 -17.16 4.90
CA PRO A 112 2.72 -18.06 5.48
C PRO A 112 2.92 -19.49 4.97
N THR A 113 2.37 -20.44 5.76
CA THR A 113 2.26 -21.87 5.42
C THR A 113 0.81 -22.25 5.13
N SER A 114 -0.09 -21.56 5.79
CA SER A 114 -1.54 -21.63 5.60
C SER A 114 -2.13 -20.22 5.58
N CYS A 115 -3.30 -20.11 5.04
CA CYS A 115 -4.07 -18.87 5.01
C CYS A 115 -4.62 -18.59 6.40
N ALA A 116 -4.78 -17.35 6.73
CA ALA A 116 -5.44 -16.85 7.93
C ALA A 116 -6.97 -16.84 7.84
N SER A 117 -7.61 -17.03 8.95
CA SER A 117 -9.08 -17.12 9.00
C SER A 117 -9.70 -15.79 9.41
N ALA A 118 -11.00 -15.66 9.21
CA ALA A 118 -11.71 -14.48 9.67
C ALA A 118 -11.64 -14.36 11.18
N GLY A 119 -11.33 -13.17 11.62
CA GLY A 119 -11.18 -12.81 13.00
C GLY A 119 -9.77 -12.92 13.50
N THR A 120 -8.87 -13.31 12.64
CA THR A 120 -7.46 -13.22 13.07
C THR A 120 -6.99 -11.76 13.08
N GLN A 121 -6.46 -11.30 14.16
CA GLN A 121 -5.98 -9.93 14.26
C GLN A 121 -4.57 -9.76 13.73
N CYS A 122 -4.37 -8.76 12.95
CA CYS A 122 -3.11 -8.58 12.26
C CYS A 122 -2.51 -7.21 12.53
N LEU A 123 -1.31 -7.00 12.12
CA LEU A 123 -0.65 -5.69 12.23
C LEU A 123 -0.36 -5.11 10.85
N ILE A 124 -0.91 -3.94 10.55
CA ILE A 124 -0.72 -3.25 9.29
C ILE A 124 0.09 -1.98 9.50
N SER A 125 1.09 -1.75 8.70
CA SER A 125 1.99 -0.65 8.95
C SER A 125 2.27 0.17 7.70
N GLY A 126 2.63 1.41 7.88
CA GLY A 126 3.06 2.22 6.74
C GLY A 126 3.22 3.69 7.07
N TRP A 127 3.61 4.47 6.10
CA TRP A 127 3.83 5.90 6.29
C TRP A 127 2.67 6.78 5.85
N GLY A 128 1.55 6.17 5.46
CA GLY A 128 0.33 6.87 5.08
C GLY A 128 -0.25 7.69 6.24
N ASN A 129 -0.34 8.99 6.00
CA ASN A 129 -0.99 9.93 6.94
C ASN A 129 -2.10 10.68 6.24
N THR A 130 -3.03 11.23 7.00
CA THR A 130 -4.11 12.04 6.43
C THR A 130 -4.29 13.35 7.16
N LYS A 131 -4.23 14.45 6.41
CA LYS A 131 -4.48 15.83 6.90
C LYS A 131 -5.94 16.29 6.84
N SER A 132 -6.34 16.83 7.99
CA SER A 132 -7.52 17.69 8.24
C SER A 132 -8.65 17.59 7.22
N SER A 133 -8.43 18.26 6.12
CA SER A 133 -9.32 18.29 4.95
C SER A 133 -9.18 17.06 4.08
N GLY A 134 -9.09 15.93 4.77
CA GLY A 134 -9.06 14.57 4.22
C GLY A 134 -7.98 14.30 3.18
N THR A 135 -6.90 15.07 3.22
CA THR A 135 -5.85 14.90 2.21
C THR A 135 -4.63 14.14 2.69
N SER A 136 -4.47 12.99 2.09
CA SER A 136 -3.46 11.95 2.42
C SER A 136 -2.09 12.20 1.83
N TYR A 137 -1.08 11.93 2.63
CA TYR A 137 0.33 12.07 2.34
C TYR A 137 1.26 11.28 3.31
N PRO A 138 2.50 10.93 2.92
CA PRO A 138 3.40 10.12 3.76
C PRO A 138 4.20 11.01 4.70
N ASP A 139 4.43 10.49 5.89
CA ASP A 139 5.28 11.19 6.86
C ASP A 139 5.70 10.37 8.07
N VAL A 140 4.74 10.27 8.99
CA VAL A 140 4.95 9.50 10.24
C VAL A 140 4.69 8.01 10.04
N LEU A 141 5.63 7.19 10.50
CA LEU A 141 5.47 5.72 10.59
C LEU A 141 4.43 5.26 11.61
N LYS A 142 3.34 4.71 11.14
CA LYS A 142 2.20 4.30 11.98
C LYS A 142 1.88 2.82 11.81
N CYS A 143 1.24 2.28 12.87
CA CYS A 143 0.83 0.88 12.99
C CYS A 143 -0.61 0.79 13.39
N LEU A 144 -1.24 -0.30 12.99
CA LEU A 144 -2.67 -0.46 13.20
C LEU A 144 -2.95 -1.93 13.38
N LYS A 145 -3.65 -2.28 14.38
CA LYS A 145 -4.14 -3.66 14.50
C LYS A 145 -5.55 -3.78 13.98
N ALA A 146 -5.73 -4.75 13.13
CA ALA A 146 -7.02 -4.96 12.53
C ALA A 146 -7.30 -6.45 12.30
N PRO A 147 -8.55 -6.85 12.44
CA PRO A 147 -8.94 -8.23 12.14
C PRO A 147 -9.09 -8.46 10.64
N ILE A 148 -8.93 -9.69 10.28
CA ILE A 148 -9.38 -10.13 8.96
C ILE A 148 -10.88 -10.43 8.98
N LEU A 149 -11.61 -9.92 8.00
CA LEU A 149 -13.07 -10.03 7.90
C LEU A 149 -13.45 -11.30 7.16
N SER A 150 -14.67 -11.71 7.34
CA SER A 150 -15.12 -12.84 6.55
C SER A 150 -15.28 -12.42 5.08
N ASP A 151 -15.16 -13.41 4.24
CA ASP A 151 -15.33 -13.22 2.80
C ASP A 151 -16.72 -12.77 2.37
N SER A 152 -17.71 -13.27 3.08
CA SER A 152 -19.12 -12.79 2.98
C SER A 152 -19.23 -11.29 3.11
N SER A 153 -18.71 -10.80 4.23
CA SER A 153 -18.87 -9.41 4.60
C SER A 153 -18.02 -8.57 3.70
N CYS A 154 -16.91 -9.11 3.20
CA CYS A 154 -16.06 -8.32 2.30
C CYS A 154 -16.78 -8.13 0.97
N LYS A 155 -17.38 -9.22 0.49
CA LYS A 155 -18.08 -9.17 -0.81
C LYS A 155 -19.35 -8.37 -0.69
N SER A 156 -19.75 -8.23 0.52
CA SER A 156 -20.97 -7.46 0.77
C SER A 156 -20.68 -5.97 0.78
N ALA A 157 -19.49 -5.65 1.25
CA ALA A 157 -18.91 -4.29 1.14
C ALA A 157 -18.54 -3.89 -0.28
N TYR A 158 -17.93 -4.76 -1.02
CA TYR A 158 -17.54 -4.48 -2.43
C TYR A 158 -18.08 -5.49 -3.47
N PRO A 159 -19.37 -5.41 -3.71
CA PRO A 159 -20.09 -6.44 -4.49
C PRO A 159 -19.60 -6.56 -5.92
N GLY A 160 -19.26 -7.75 -6.33
CA GLY A 160 -18.66 -8.03 -7.63
C GLY A 160 -17.14 -7.79 -7.77
N GLN A 161 -16.51 -7.13 -6.78
CA GLN A 161 -15.13 -6.66 -6.89
C GLN A 161 -14.07 -7.57 -6.27
N ILE A 162 -14.47 -8.40 -5.33
CA ILE A 162 -13.56 -9.18 -4.49
C ILE A 162 -13.26 -10.52 -5.16
N THR A 163 -12.01 -10.77 -5.53
CA THR A 163 -11.58 -12.05 -6.08
C THR A 163 -11.03 -12.97 -5.00
N SER A 164 -10.67 -14.18 -5.38
CA SER A 164 -10.21 -15.20 -4.45
C SER A 164 -8.84 -14.82 -3.92
N ASN A 165 -8.24 -13.84 -4.54
CA ASN A 165 -6.90 -13.37 -4.19
C ASN A 165 -6.93 -12.07 -3.38
N MET A 166 -8.09 -11.71 -2.86
CA MET A 166 -8.22 -10.55 -2.00
C MET A 166 -8.84 -10.97 -0.66
N PHE A 167 -8.56 -10.19 0.39
CA PHE A 167 -9.36 -10.22 1.64
C PHE A 167 -9.57 -8.82 2.19
N CYS A 168 -10.52 -8.65 3.06
CA CYS A 168 -10.79 -7.37 3.75
C CYS A 168 -10.32 -7.49 5.18
N ALA A 169 -9.81 -6.39 5.67
CA ALA A 169 -9.44 -6.30 7.07
C ALA A 169 -9.86 -4.92 7.60
N GLY A 170 -10.21 -4.85 8.85
CA GLY A 170 -10.56 -3.56 9.41
C GLY A 170 -11.89 -3.63 10.16
N TYR A 171 -12.44 -2.45 10.29
CA TYR A 171 -13.60 -2.14 11.16
C TYR A 171 -14.71 -1.47 10.39
N LEU A 172 -15.88 -2.10 10.50
CA LEU A 172 -17.06 -1.72 9.77
C LEU A 172 -17.58 -0.36 10.25
N GLU A 173 -17.14 0.05 11.40
CA GLU A 173 -17.54 1.39 11.77
C GLU A 173 -16.62 2.49 11.25
N GLY A 174 -15.54 2.09 10.64
CA GLY A 174 -14.53 3.02 10.15
C GLY A 174 -13.60 3.53 11.24
N GLY A 175 -12.99 4.66 10.93
CA GLY A 175 -12.07 5.37 11.83
C GLY A 175 -10.64 4.87 11.81
N LYS A 176 -10.48 3.60 11.53
CA LYS A 176 -9.16 3.00 11.51
C LYS A 176 -8.90 2.21 10.22
N ASP A 177 -7.88 2.62 9.47
CA ASP A 177 -7.61 1.96 8.18
C ASP A 177 -6.17 2.17 7.73
N SER A 178 -5.85 1.61 6.59
CA SER A 178 -4.64 2.00 5.84
C SER A 178 -5.09 2.98 4.76
N CYS A 179 -4.20 3.85 4.24
CA CYS A 179 -4.55 4.91 3.30
C CYS A 179 -3.41 5.20 2.34
N GLN A 180 -3.59 6.15 1.44
CA GLN A 180 -2.67 6.41 0.33
C GLN A 180 -1.28 6.70 0.87
N GLY A 181 -0.33 5.93 0.33
CA GLY A 181 1.07 5.87 0.77
C GLY A 181 1.39 4.54 1.45
N ASP A 182 0.34 3.79 1.82
CA ASP A 182 0.50 2.47 2.48
C ASP A 182 0.55 1.28 1.53
N SER A 183 0.12 1.52 0.29
CA SER A 183 0.16 0.49 -0.75
C SER A 183 1.41 -0.35 -0.75
N GLY A 184 1.26 -1.63 -0.89
CA GLY A 184 2.40 -2.51 -0.98
C GLY A 184 2.95 -2.94 0.36
N GLY A 185 2.56 -2.31 1.44
CA GLY A 185 3.16 -2.65 2.74
C GLY A 185 2.47 -3.83 3.42
N PRO A 186 3.01 -4.19 4.53
CA PRO A 186 2.75 -5.48 5.23
C PRO A 186 1.42 -5.56 5.99
N VAL A 187 0.79 -6.73 5.95
CA VAL A 187 -0.20 -7.16 6.91
C VAL A 187 0.22 -8.48 7.56
N VAL A 188 0.65 -8.43 8.79
CA VAL A 188 1.35 -9.54 9.42
C VAL A 188 0.50 -10.11 10.54
N CYS A 189 0.23 -11.38 10.44
CA CYS A 189 -0.70 -12.03 11.34
C CYS A 189 0.02 -13.18 11.98
N SER A 190 0.20 -13.08 13.24
CA SER A 190 0.93 -14.02 14.06
C SER A 190 2.29 -14.37 13.50
N GLY A 191 3.00 -13.33 13.14
CA GLY A 191 4.39 -13.40 12.69
C GLY A 191 4.54 -13.86 11.24
N LYS A 192 3.45 -13.92 10.54
CA LYS A 192 3.62 -14.26 9.12
C LYS A 192 3.04 -13.13 8.25
N LEU A 193 3.55 -13.01 7.05
CA LEU A 193 3.01 -12.08 6.06
C LEU A 193 1.75 -12.61 5.39
N GLN A 194 0.62 -12.11 5.80
CA GLN A 194 -0.59 -12.60 5.19
C GLN A 194 -1.20 -11.63 4.19
N GLY A 195 -0.83 -10.39 4.23
CA GLY A 195 -1.46 -9.44 3.28
C GLY A 195 -0.47 -8.41 2.71
N ILE A 196 -0.91 -7.81 1.61
CA ILE A 196 -0.25 -6.61 1.07
C ILE A 196 -1.31 -5.53 0.92
N VAL A 197 -1.04 -4.34 1.41
CA VAL A 197 -1.99 -3.19 1.23
C VAL A 197 -2.28 -2.91 -0.25
N SER A 198 -3.54 -3.00 -0.62
CA SER A 198 -3.88 -2.89 -2.06
C SER A 198 -4.80 -1.71 -2.40
N TRP A 199 -6.06 -1.84 -2.03
CA TRP A 199 -7.02 -0.77 -2.33
C TRP A 199 -8.14 -0.61 -1.29
N GLY A 200 -9.04 0.31 -1.55
CA GLY A 200 -10.24 0.50 -0.72
C GLY A 200 -11.11 1.59 -1.32
N SER A 201 -12.32 1.72 -0.83
CA SER A 201 -13.11 2.88 -1.20
C SER A 201 -12.91 3.98 -0.17
N GLY A 202 -12.04 4.91 -0.49
CA GLY A 202 -11.56 5.91 0.45
C GLY A 202 -10.74 5.29 1.58
N CYS A 203 -10.66 5.93 2.71
CA CYS A 203 -9.98 5.36 3.85
C CYS A 203 -10.82 5.55 5.12
N ALA A 204 -10.83 4.53 5.93
CA ALA A 204 -11.49 4.55 7.26
C ALA A 204 -12.95 4.99 7.24
N GLN A 205 -13.56 4.74 6.11
CA GLN A 205 -14.97 5.04 5.95
C GLN A 205 -15.87 3.91 6.49
N LYS A 206 -17.03 4.28 7.01
CA LYS A 206 -17.95 3.28 7.55
C LYS A 206 -18.41 2.32 6.43
N ASN A 207 -18.43 1.05 6.79
CA ASN A 207 -18.84 -0.04 5.92
C ASN A 207 -17.95 -0.31 4.70
N LYS A 208 -16.83 0.39 4.63
CA LYS A 208 -15.81 0.21 3.59
C LYS A 208 -14.42 -0.12 4.15
N PRO A 209 -14.20 -1.34 4.55
CA PRO A 209 -12.86 -1.84 5.05
C PRO A 209 -11.81 -1.85 3.96
N GLY A 210 -10.52 -1.82 4.32
CA GLY A 210 -9.41 -1.98 3.34
C GLY A 210 -9.40 -3.36 2.71
N VAL A 211 -8.90 -3.41 1.49
CA VAL A 211 -8.78 -4.64 0.70
C VAL A 211 -7.30 -4.90 0.40
N TYR A 212 -6.89 -6.13 0.70
CA TYR A 212 -5.50 -6.59 0.73
C TYR A 212 -5.29 -7.79 -0.18
N THR A 213 -4.16 -7.87 -0.84
CA THR A 213 -3.82 -9.10 -1.58
C THR A 213 -3.53 -10.26 -0.61
N LYS A 214 -4.17 -11.38 -0.89
CA LYS A 214 -4.03 -12.60 -0.08
C LYS A 214 -2.77 -13.39 -0.42
N VAL A 215 -1.68 -13.07 0.28
CA VAL A 215 -0.29 -13.61 0.10
C VAL A 215 -0.19 -15.14 0.21
N CYS A 216 -1.06 -15.77 0.95
CA CYS A 216 -1.02 -17.26 1.00
C CYS A 216 -1.31 -17.93 -0.36
N ASN A 217 -1.96 -17.22 -1.26
CA ASN A 217 -2.25 -17.81 -2.59
C ASN A 217 -0.98 -17.87 -3.42
N TYR A 218 0.07 -17.17 -2.99
CA TYR A 218 1.24 -16.85 -3.83
C TYR A 218 2.54 -17.40 -3.34
N VAL A 219 2.53 -18.04 -2.23
CA VAL A 219 3.77 -18.49 -1.64
C VAL A 219 4.65 -19.37 -2.55
N SER A 220 4.05 -20.31 -3.24
CA SER A 220 4.86 -21.08 -4.21
C SER A 220 5.43 -20.28 -5.37
N TRP A 221 4.63 -19.37 -5.93
CA TRP A 221 5.11 -18.45 -6.99
C TRP A 221 6.30 -17.61 -6.48
N ILE A 222 6.18 -17.12 -5.27
CA ILE A 222 7.21 -16.25 -4.70
C ILE A 222 8.48 -17.06 -4.53
N LYS A 223 8.32 -18.19 -3.90
CA LYS A 223 9.55 -19.02 -3.61
C LYS A 223 10.29 -19.51 -4.84
N GLN A 224 9.55 -19.96 -5.82
CA GLN A 224 10.11 -20.39 -7.11
C GLN A 224 10.64 -19.20 -7.92
N THR A 225 10.03 -18.00 -7.83
CA THR A 225 10.53 -16.78 -8.54
C THR A 225 11.83 -16.23 -7.97
N ILE A 226 11.88 -16.24 -6.71
CA ILE A 226 13.10 -15.84 -6.08
C ILE A 226 14.24 -16.80 -6.43
N ALA A 227 13.91 -18.08 -6.45
CA ALA A 227 14.91 -19.14 -6.58
C ALA A 227 15.42 -19.18 -8.00
N SER A 228 14.67 -18.67 -8.98
CA SER A 228 15.10 -18.72 -10.38
C SER A 228 15.50 -17.35 -10.92
N ASN A 229 15.84 -16.47 -10.05
CA ASN A 229 16.23 -15.12 -10.50
C ASN A 229 17.43 -14.59 -9.73
N THR B 1 -13.82 27.33 -15.06
CA THR B 1 -12.65 26.46 -14.89
C THR B 1 -11.42 26.98 -15.65
N SER B 2 -10.27 26.83 -15.04
CA SER B 2 -8.98 27.19 -15.64
C SER B 2 -8.03 26.00 -15.72
N PRO B 3 -8.15 25.30 -16.84
CA PRO B 3 -7.82 23.86 -17.02
C PRO B 3 -6.35 23.54 -17.36
N GLN B 4 -6.36 22.34 -18.01
CA GLN B 4 -5.31 21.67 -18.86
C GLN B 4 -4.66 20.31 -18.45
N ARG B 5 -5.60 19.37 -18.36
CA ARG B 5 -5.46 17.89 -18.28
C ARG B 5 -6.60 17.28 -17.47
N GLU B 6 -7.38 16.44 -18.15
CA GLU B 6 -8.31 15.63 -17.39
C GLU B 6 -7.61 14.48 -16.66
N ALA B 7 -8.29 14.01 -15.65
CA ALA B 7 -7.95 12.70 -15.08
C ALA B 7 -8.48 11.56 -15.96
N THR B 8 -7.58 10.68 -16.43
CA THR B 8 -7.99 9.44 -17.14
C THR B 8 -8.17 8.30 -16.16
N CYS B 9 -9.38 8.11 -15.72
CA CYS B 9 -9.64 7.06 -14.73
C CYS B 9 -10.59 5.97 -15.18
N THR B 10 -9.99 4.84 -15.53
CA THR B 10 -10.70 3.63 -15.95
C THR B 10 -10.50 2.47 -14.99
N SER B 11 -11.15 2.53 -13.84
CA SER B 11 -10.98 1.50 -12.80
C SER B 11 -12.17 0.60 -12.94
N GLU B 12 -12.00 -0.69 -12.88
CA GLU B 12 -13.16 -1.59 -12.78
C GLU B 12 -13.53 -1.86 -11.33
N VAL B 13 -12.85 -1.23 -10.39
CA VAL B 13 -13.30 -1.38 -8.99
C VAL B 13 -13.84 -0.07 -8.44
N SER B 14 -14.66 -0.13 -7.45
CA SER B 14 -15.26 1.06 -6.87
C SER B 14 -14.44 1.57 -5.68
N GLY B 15 -13.19 1.68 -5.93
CA GLY B 15 -12.18 1.95 -4.90
C GLY B 15 -10.91 2.44 -5.55
N CYS B 16 -10.02 2.99 -4.77
CA CYS B 16 -8.69 3.35 -5.35
C CYS B 16 -7.55 2.60 -4.68
N PRO B 17 -6.52 2.34 -5.44
CA PRO B 17 -5.24 1.82 -4.92
C PRO B 17 -4.66 2.82 -3.93
N LYS B 18 -3.97 2.33 -2.93
CA LYS B 18 -3.42 3.24 -1.91
C LYS B 18 -1.97 3.68 -2.18
N ILE B 19 -1.69 4.03 -3.41
CA ILE B 19 -0.40 4.65 -3.79
C ILE B 19 -0.37 6.17 -3.71
N TYR B 20 0.76 6.69 -3.31
CA TYR B 20 0.90 8.15 -3.18
C TYR B 20 1.53 8.65 -4.47
N ASN B 21 0.70 9.12 -5.34
CA ASN B 21 1.15 9.64 -6.60
C ASN B 21 0.41 10.95 -6.93
N PRO B 22 0.78 12.00 -6.21
CA PRO B 22 -0.03 13.23 -6.08
C PRO B 22 -0.24 13.96 -7.41
N VAL B 23 -1.34 14.67 -7.49
CA VAL B 23 -1.66 15.57 -8.62
C VAL B 23 -2.29 16.83 -8.06
N CYS B 24 -1.91 17.96 -8.61
CA CYS B 24 -2.44 19.25 -8.18
C CYS B 24 -3.71 19.65 -8.95
N GLY B 25 -4.89 19.61 -8.30
CA GLY B 25 -6.14 20.12 -8.85
C GLY B 25 -6.08 21.63 -9.19
N THR B 26 -6.83 22.00 -10.22
CA THR B 26 -7.07 23.41 -10.58
C THR B 26 -7.85 24.19 -9.52
N ASP B 27 -8.44 23.46 -8.63
CA ASP B 27 -9.01 24.01 -7.42
C ASP B 27 -7.99 24.35 -6.33
N GLY B 28 -6.77 23.87 -6.46
CA GLY B 28 -5.78 24.16 -5.43
C GLY B 28 -5.64 23.09 -4.35
N ILE B 29 -6.34 21.99 -4.51
CA ILE B 29 -6.20 20.79 -3.65
C ILE B 29 -5.21 19.77 -4.21
N THR B 30 -4.38 19.25 -3.35
CA THR B 30 -3.54 18.12 -3.71
C THR B 30 -4.25 16.77 -3.52
N TYR B 31 -4.42 16.07 -4.63
CA TYR B 31 -5.05 14.74 -4.61
C TYR B 31 -3.99 13.64 -4.58
N SER B 32 -4.09 12.75 -3.60
CA SER B 32 -3.05 11.78 -3.30
C SER B 32 -2.82 10.81 -4.45
N ASN B 33 -3.74 10.72 -5.35
CA ASN B 33 -3.56 10.11 -6.63
C ASN B 33 -4.69 10.47 -7.59
N GLU B 34 -4.49 10.17 -8.84
CA GLU B 34 -5.46 10.52 -9.88
C GLU B 34 -6.79 9.81 -9.71
N CYS B 35 -6.77 8.63 -9.16
CA CYS B 35 -8.03 7.90 -8.91
C CYS B 35 -8.85 8.58 -7.81
N VAL B 36 -8.14 9.19 -6.90
CA VAL B 36 -8.88 9.89 -5.90
C VAL B 36 -9.54 11.13 -6.47
N LEU B 37 -8.84 11.81 -7.36
CA LEU B 37 -9.44 12.99 -7.99
C LEU B 37 -10.65 12.61 -8.83
N CYS B 38 -10.53 11.47 -9.43
CA CYS B 38 -11.68 10.89 -10.14
C CYS B 38 -12.89 10.57 -9.30
N SER B 39 -12.67 9.90 -8.21
CA SER B 39 -13.83 9.54 -7.44
C SER B 39 -14.47 10.76 -6.81
N GLU B 40 -13.62 11.72 -6.51
CA GLU B 40 -14.07 12.95 -5.89
C GLU B 40 -14.93 13.76 -6.85
N ASN B 41 -14.50 13.70 -8.11
CA ASN B 41 -15.19 14.42 -9.18
C ASN B 41 -16.59 13.85 -9.38
N LYS B 42 -16.71 12.53 -9.31
CA LYS B 42 -17.96 11.95 -9.77
C LYS B 42 -19.13 12.29 -8.86
N LYS B 43 -18.79 12.79 -7.70
CA LYS B 43 -19.82 13.44 -6.91
C LYS B 43 -19.76 14.96 -6.96
N ARG B 44 -19.30 15.44 -8.08
CA ARG B 44 -19.32 16.88 -8.37
C ARG B 44 -20.12 17.14 -9.64
N GLN B 45 -20.82 18.24 -9.68
CA GLN B 45 -21.48 18.69 -10.91
C GLN B 45 -20.65 19.70 -11.69
N THR B 46 -19.36 19.70 -11.39
CA THR B 46 -18.32 20.43 -12.12
C THR B 46 -16.89 19.99 -11.80
N PRO B 47 -16.31 19.24 -12.74
CA PRO B 47 -15.03 18.51 -12.63
C PRO B 47 -13.79 19.40 -12.49
N VAL B 48 -13.00 19.06 -11.48
CA VAL B 48 -11.69 19.68 -11.29
C VAL B 48 -10.67 19.01 -12.21
N LEU B 49 -9.90 19.75 -12.93
CA LEU B 49 -8.87 19.17 -13.77
C LEU B 49 -7.53 19.25 -13.11
N ILE B 50 -6.55 18.73 -13.78
CA ILE B 50 -5.20 18.68 -13.29
C ILE B 50 -4.29 19.79 -13.79
N GLN B 51 -3.94 20.62 -12.85
CA GLN B 51 -3.15 21.81 -13.03
C GLN B 51 -1.68 21.47 -13.28
N LYS B 52 -1.16 20.58 -12.47
CA LYS B 52 0.19 20.05 -12.56
C LYS B 52 0.30 18.72 -11.81
N SER B 53 1.30 17.97 -12.14
CA SER B 53 1.63 16.73 -11.46
C SER B 53 2.44 17.05 -10.21
N GLY B 54 2.30 16.24 -9.18
CA GLY B 54 2.98 16.55 -7.93
C GLY B 54 2.04 17.41 -7.10
N PRO B 55 2.41 17.59 -5.85
CA PRO B 55 1.60 18.37 -4.87
C PRO B 55 1.58 19.82 -5.34
N CYS B 56 0.51 20.50 -4.97
CA CYS B 56 0.34 21.90 -5.30
C CYS B 56 1.43 22.72 -4.62
S SO4 C . -8.90 -10.96 -13.79
O1 SO4 C . -9.16 -9.87 -12.81
O2 SO4 C . -8.65 -12.29 -13.11
O3 SO4 C . -10.13 -11.06 -14.66
O4 SO4 C . -7.63 -10.71 -14.64
CA CA D . 15.07 8.45 8.10
#